data_8W5E
#
_entry.id   8W5E
#
_cell.length_a   1.00
_cell.length_b   1.00
_cell.length_c   1.00
_cell.angle_alpha   90.00
_cell.angle_beta   90.00
_cell.angle_gamma   90.00
#
_symmetry.space_group_name_H-M   'P 1'
#
loop_
_entity.id
_entity.type
_entity.pdbx_description
1 polymer 'Heavy chain of Ab4'
2 polymer 'Minor capsid protein A1'
3 polymer 'Light chain of Ab4'
#
loop_
_entity_poly.entity_id
_entity_poly.type
_entity_poly.pdbx_seq_one_letter_code
_entity_poly.pdbx_strand_id
1 'polypeptide(L)'
;VHSEVQLVESGGGLVQPGGSLKLSCAASGFTFSDYGMAWVRQAPRKGPEWVAFISNLAYSIYYADTVTGRFTI(SEP)RE
NAKNTLYLEMSSLRSEDTAMYYCARQNFDSSFYFDYWGRGTTLTVSSA
;
H
2 'polypeptide(L)'
;MAKLETVTLGNIGKDGKQTLVLNPRGVNPTNGVASLSQAGAVPALEKRVTVSVSQPSRNRKNYKVQVKIQNPTACTANGS
CDPSVTRQAYADVTFSFTQYSTDEERAFVRTELAALLASPLLIDAIDQLNPAY
;
c,C
3 'polypeptide(L)'
;VHSETTVTQSPASL(SEP)VATGEKVTIRCITSTDIDDDMNWYQQKPGEPPKLLISEGNTLRPGVPSRFSSSGYGTDFVF
TIENTLSEDVADYYCLQSDNMPLTFGAGTKLEIK
;
L
#
# COMPACT_ATOMS: atom_id res chain seq x y z
N VAL A 5 23.56 4.77 -8.23
CA VAL A 5 22.60 5.71 -7.68
C VAL A 5 22.47 5.51 -6.18
N GLN A 6 22.87 6.52 -5.43
CA GLN A 6 22.94 6.46 -3.98
C GLN A 6 21.76 7.21 -3.36
N LEU A 7 21.83 7.37 -2.04
CA LEU A 7 20.88 8.15 -1.25
C LEU A 7 21.50 8.42 0.13
N VAL A 8 21.45 9.66 0.62
CA VAL A 8 22.15 10.05 1.84
C VAL A 8 21.40 10.62 3.06
N GLU A 9 21.62 10.04 4.24
CA GLU A 9 21.04 10.44 5.52
C GLU A 9 21.60 11.75 6.04
N SER A 10 20.86 12.40 6.92
CA SER A 10 21.38 13.57 7.62
C SER A 10 20.63 13.69 8.94
N GLY A 11 21.26 14.15 10.01
CA GLY A 11 20.57 14.24 11.29
C GLY A 11 21.49 14.62 12.44
N GLY A 12 20.94 14.95 13.60
CA GLY A 12 21.75 15.44 14.71
C GLY A 12 22.50 14.34 15.43
N GLY A 13 23.26 14.77 16.44
CA GLY A 13 24.10 13.83 17.18
C GLY A 13 24.19 14.04 18.68
N LEU A 14 23.50 15.04 19.22
CA LEU A 14 23.59 15.32 20.65
C LEU A 14 22.21 15.56 21.24
N VAL A 15 21.28 14.66 20.94
CA VAL A 15 19.92 14.80 21.42
C VAL A 15 19.86 14.51 22.92
N GLN A 16 19.11 15.34 23.64
CA GLN A 16 18.86 15.17 25.05
C GLN A 16 17.82 14.07 25.27
N PRO A 17 18.01 13.20 26.27
CA PRO A 17 17.00 12.18 26.57
C PRO A 17 15.65 12.76 26.97
N GLY A 18 14.65 12.55 26.13
CA GLY A 18 13.35 13.15 26.30
C GLY A 18 12.90 13.85 25.04
N GLY A 19 13.86 14.45 24.32
CA GLY A 19 13.57 15.21 23.13
C GLY A 19 13.33 14.34 21.91
N SER A 20 13.42 14.98 20.74
CA SER A 20 13.21 14.28 19.48
C SER A 20 13.98 14.98 18.39
N LEU A 21 14.25 14.25 17.31
CA LEU A 21 14.97 14.77 16.15
C LEU A 21 14.15 14.52 14.90
N LYS A 22 14.67 15.01 13.77
CA LYS A 22 14.06 14.80 12.45
C LYS A 22 15.18 14.42 11.48
N LEU A 23 15.33 13.13 11.22
CA LEU A 23 16.24 12.68 10.19
C LEU A 23 15.69 13.03 8.82
N SER A 24 16.55 13.57 7.96
CA SER A 24 16.22 13.83 6.58
C SER A 24 16.97 12.85 5.70
N CYS A 25 16.41 12.55 4.53
CA CYS A 25 17.08 11.63 3.62
C CYS A 25 16.73 11.99 2.19
N ALA A 26 17.74 12.40 1.43
CA ALA A 26 17.57 12.86 0.06
C ALA A 26 17.95 11.77 -0.94
N ALA A 27 17.25 11.77 -2.07
CA ALA A 27 17.45 10.84 -3.16
C ALA A 27 18.47 11.38 -4.15
N SER A 28 18.86 10.54 -5.11
CA SER A 28 19.89 10.93 -6.06
C SER A 28 19.66 10.45 -7.49
N GLY A 29 18.43 10.11 -7.86
CA GLY A 29 18.20 9.77 -9.25
C GLY A 29 17.39 8.52 -9.55
N PHE A 30 16.75 7.93 -8.55
CA PHE A 30 15.78 6.88 -8.78
C PHE A 30 14.35 7.41 -8.78
N THR A 31 14.20 8.74 -8.85
CA THR A 31 12.98 9.54 -9.01
C THR A 31 12.08 9.58 -7.78
N PHE A 32 12.37 8.74 -6.76
CA PHE A 32 11.81 8.74 -5.41
C PHE A 32 10.32 8.38 -5.36
N SER A 33 9.65 8.32 -6.51
CA SER A 33 8.42 7.58 -6.63
C SER A 33 8.81 6.15 -7.00
N ASP A 34 7.78 5.34 -7.30
CA ASP A 34 7.90 4.01 -7.92
C ASP A 34 8.50 2.98 -6.95
N TYR A 35 8.95 3.40 -5.77
CA TYR A 35 9.90 2.67 -4.95
C TYR A 35 9.56 2.88 -3.50
N GLY A 36 9.39 1.79 -2.76
CA GLY A 36 9.26 1.88 -1.32
C GLY A 36 10.61 2.00 -0.65
N MET A 37 10.60 2.32 0.64
CA MET A 37 11.84 2.50 1.38
C MET A 37 11.58 2.31 2.86
N ALA A 38 12.65 2.44 3.65
CA ALA A 38 12.60 2.03 5.05
C ALA A 38 13.78 2.65 5.80
N TRP A 39 13.63 2.66 7.13
CA TRP A 39 14.65 3.14 8.04
C TRP A 39 15.15 1.98 8.87
N VAL A 40 16.46 1.78 8.88
CA VAL A 40 17.06 0.88 9.86
C VAL A 40 18.45 1.41 10.22
N ARG A 41 18.65 1.72 11.48
CA ARG A 41 19.97 2.08 11.98
C ARG A 41 20.54 0.87 12.71
N GLN A 42 21.72 1.05 13.29
CA GLN A 42 22.34 -0.05 14.00
C GLN A 42 22.92 0.45 15.32
N ALA A 43 22.89 -0.44 16.30
CA ALA A 43 23.67 -0.27 17.51
C ALA A 43 25.14 -0.50 17.19
N PRO A 44 26.06 -0.06 18.06
CA PRO A 44 27.49 -0.41 17.84
C PRO A 44 27.84 -1.85 18.20
N ARG A 45 26.84 -2.68 18.50
CA ARG A 45 27.04 -4.09 18.79
C ARG A 45 26.38 -5.02 17.79
N LYS A 46 25.39 -4.56 17.02
CA LYS A 46 24.60 -5.45 16.18
C LYS A 46 23.97 -4.64 15.05
N GLY A 47 24.07 -5.14 13.82
CA GLY A 47 23.65 -4.40 12.66
C GLY A 47 22.15 -4.32 12.40
N PRO A 48 21.53 -5.44 11.99
CA PRO A 48 20.16 -5.35 11.47
C PRO A 48 19.11 -5.19 12.56
N GLU A 49 18.62 -3.96 12.68
CA GLU A 49 17.57 -3.62 13.62
C GLU A 49 16.20 -3.68 12.94
N TRP A 50 15.22 -3.05 13.57
CA TRP A 50 13.83 -2.95 13.18
C TRP A 50 13.65 -2.36 11.78
N VAL A 51 12.42 -2.45 11.28
CA VAL A 51 12.04 -1.84 10.01
C VAL A 51 10.77 -1.03 10.26
N ALA A 52 10.68 0.16 9.65
CA ALA A 52 9.42 0.88 9.52
C ALA A 52 9.25 1.12 8.02
N PHE A 53 8.69 0.13 7.35
CA PHE A 53 8.58 0.16 5.90
C PHE A 53 7.47 1.11 5.47
N ILE A 54 7.82 2.06 4.62
CA ILE A 54 6.85 2.99 4.07
C ILE A 54 6.33 2.39 2.78
N SER A 55 5.14 2.82 2.36
CA SER A 55 4.70 2.43 1.04
C SER A 55 5.40 3.24 -0.04
N ASN A 56 5.12 2.84 -1.28
CA ASN A 56 5.50 3.66 -2.43
C ASN A 56 4.74 4.98 -2.43
N LEU A 57 3.47 4.94 -2.07
CA LEU A 57 2.58 6.08 -2.19
C LEU A 57 2.14 6.60 -0.83
N ALA A 58 2.92 6.28 0.22
CA ALA A 58 2.64 6.60 1.62
C ALA A 58 1.28 6.08 2.07
N TYR A 59 0.83 4.97 1.50
CA TYR A 59 -0.45 4.39 1.89
C TYR A 59 -0.29 3.30 2.94
N SER A 60 0.38 2.21 2.59
CA SER A 60 0.62 1.14 3.55
C SER A 60 1.82 1.55 4.39
N ILE A 61 1.54 1.89 5.64
CA ILE A 61 2.58 2.24 6.60
C ILE A 61 2.48 1.23 7.74
N TYR A 62 3.63 0.87 8.30
CA TYR A 62 3.62 0.16 9.57
C TYR A 62 4.95 0.41 10.27
N TYR A 63 4.90 0.50 11.58
CA TYR A 63 6.09 0.65 12.39
C TYR A 63 6.38 -0.67 13.09
N ALA A 64 7.53 -0.74 13.72
CA ALA A 64 7.95 -1.94 14.43
C ALA A 64 7.46 -1.87 15.87
N ASP A 65 8.01 -2.72 16.74
CA ASP A 65 7.52 -2.83 18.11
C ASP A 65 7.82 -1.58 18.94
N THR A 66 8.94 -0.90 18.66
CA THR A 66 9.27 0.32 19.40
C THR A 66 8.61 1.50 18.70
N VAL A 67 7.30 1.60 18.90
CA VAL A 67 6.49 2.71 18.41
C VAL A 67 6.00 3.49 19.62
N THR A 68 6.69 4.58 19.93
CA THR A 68 6.21 5.57 20.88
C THR A 68 6.04 6.94 20.23
N GLY A 69 7.06 7.40 19.52
CA GLY A 69 6.92 8.46 18.54
C GLY A 69 7.34 7.85 17.23
N ARG A 70 8.43 8.35 16.67
CA ARG A 70 9.17 7.73 15.56
C ARG A 70 8.28 7.55 14.33
N PHE A 71 7.86 8.68 13.77
CA PHE A 71 6.94 8.68 12.65
C PHE A 71 7.68 8.81 11.34
N THR A 72 7.26 8.02 10.35
CA THR A 72 7.85 8.03 9.03
C THR A 72 6.92 8.78 8.09
N ILE A 73 7.46 9.67 7.28
CA ILE A 73 6.65 10.41 6.34
C ILE A 73 7.45 10.61 5.05
N ARG A 75 7.64 12.79 1.31
CA ARG A 75 7.17 13.92 0.51
C ARG A 75 7.93 14.01 -0.81
N GLU A 76 7.20 13.96 -1.91
CA GLU A 76 7.81 14.00 -3.24
C GLU A 76 7.89 15.42 -3.78
N ASN A 77 8.46 16.33 -3.00
CA ASN A 77 8.73 17.68 -3.47
C ASN A 77 10.20 17.90 -3.78
N ALA A 78 11.09 17.54 -2.86
CA ALA A 78 12.52 17.57 -3.08
C ALA A 78 13.11 16.16 -3.01
N LYS A 79 12.26 15.15 -3.25
CA LYS A 79 12.62 13.73 -3.29
C LYS A 79 13.22 13.23 -1.98
N ASN A 80 12.87 13.86 -0.86
CA ASN A 80 13.40 13.48 0.44
C ASN A 80 12.32 12.84 1.30
N THR A 81 12.76 12.12 2.32
CA THR A 81 11.86 11.66 3.35
C THR A 81 12.29 12.22 4.69
N LEU A 82 11.32 12.44 5.55
CA LEU A 82 11.52 12.97 6.90
C LEU A 82 11.14 11.90 7.89
N TYR A 83 11.78 11.93 9.06
CA TYR A 83 11.53 10.91 10.06
C TYR A 83 11.69 11.50 11.46
N LEU A 84 10.65 11.39 12.28
CA LEU A 84 10.71 11.94 13.62
C LEU A 84 10.04 11.04 14.65
N TYR A 98 20.29 4.28 9.42
CA TYR A 98 20.44 4.06 7.99
C TYR A 98 19.13 4.26 7.25
N CYS A 99 19.24 4.76 6.03
CA CYS A 99 18.10 5.11 5.19
C CYS A 99 18.19 4.29 3.91
N ALA A 100 17.42 3.22 3.81
CA ALA A 100 17.55 2.29 2.71
C ALA A 100 16.24 2.22 1.91
N ARG A 101 16.33 1.64 0.71
CA ARG A 101 15.16 1.52 -0.16
C ARG A 101 15.12 0.16 -0.85
N GLN A 102 13.91 -0.32 -1.12
CA GLN A 102 13.73 -1.61 -1.75
C GLN A 102 13.87 -1.50 -3.27
N ASN A 103 13.60 -2.60 -3.95
CA ASN A 103 13.75 -2.67 -5.40
C ASN A 103 12.45 -2.30 -6.10
N PHE A 104 12.40 -2.57 -7.41
CA PHE A 104 11.26 -2.18 -8.22
C PHE A 104 10.05 -3.04 -7.94
N ASP A 105 10.24 -4.36 -7.93
CA ASP A 105 9.17 -5.26 -7.56
C ASP A 105 8.85 -5.09 -6.07
N SER A 106 7.60 -5.28 -5.72
CA SER A 106 7.22 -5.23 -4.31
C SER A 106 7.74 -6.46 -3.60
N SER A 107 8.50 -6.22 -2.54
CA SER A 107 9.08 -7.28 -1.73
C SER A 107 9.41 -6.67 -0.38
N PHE A 108 10.28 -7.31 0.39
CA PHE A 108 10.72 -6.71 1.62
C PHE A 108 12.22 -6.77 1.83
N TYR A 109 12.98 -7.30 0.88
CA TYR A 109 14.41 -7.05 0.90
C TYR A 109 14.70 -5.68 0.31
N PHE A 110 15.91 -5.19 0.53
CA PHE A 110 16.29 -3.88 0.05
C PHE A 110 17.79 -3.79 -0.14
N ASP A 111 18.22 -2.97 -1.10
CA ASP A 111 19.53 -3.09 -1.72
C ASP A 111 20.45 -1.87 -1.58
N TYR A 112 19.94 -0.65 -1.75
CA TYR A 112 20.78 0.54 -1.68
C TYR A 112 20.65 1.20 -0.32
N TRP A 113 21.73 1.88 0.09
CA TRP A 113 21.91 2.29 1.46
C TRP A 113 22.49 3.70 1.54
N GLY A 114 22.40 4.29 2.73
CA GLY A 114 23.06 5.54 3.01
C GLY A 114 23.95 5.41 4.23
N ARG A 115 24.76 6.45 4.47
CA ARG A 115 25.71 6.39 5.56
C ARG A 115 25.04 6.63 6.92
N ALA B 2 -17.57 -8.35 10.78
CA ALA B 2 -18.79 -9.05 11.19
C ALA B 2 -19.50 -8.26 12.26
N LYS B 3 -19.09 -8.46 13.51
CA LYS B 3 -19.62 -7.69 14.63
C LYS B 3 -19.11 -6.27 14.51
N LEU B 4 -19.97 -5.37 14.07
CA LEU B 4 -19.54 -4.00 13.79
C LEU B 4 -19.34 -3.23 15.08
N GLU B 5 -18.27 -2.43 15.12
CA GLU B 5 -17.89 -1.72 16.32
C GLU B 5 -17.58 -0.26 16.01
N THR B 6 -17.06 0.47 16.99
CA THR B 6 -16.76 1.88 16.82
C THR B 6 -15.51 2.05 15.98
N VAL B 7 -15.70 2.15 14.66
CA VAL B 7 -14.57 2.30 13.75
C VAL B 7 -14.04 3.72 13.85
N THR B 8 -12.74 3.84 14.12
CA THR B 8 -12.08 5.13 14.17
C THR B 8 -11.05 5.20 13.05
N LEU B 9 -11.10 6.27 12.27
CA LEU B 9 -10.14 6.50 11.21
C LEU B 9 -8.93 7.20 11.79
N GLY B 10 -8.03 7.68 10.94
CA GLY B 10 -6.88 8.40 11.44
C GLY B 10 -6.11 9.14 10.37
N ASN B 11 -5.84 10.43 10.64
CA ASN B 11 -4.95 11.29 9.84
C ASN B 11 -5.44 11.41 8.40
N ILE B 12 -6.62 12.01 8.26
CA ILE B 12 -7.30 12.04 6.98
C ILE B 12 -7.68 13.45 6.59
N GLY B 13 -7.42 13.79 5.33
CA GLY B 13 -7.92 14.96 4.65
C GLY B 13 -6.92 16.09 4.55
N LYS B 14 -6.16 16.10 3.46
CA LYS B 14 -5.33 17.19 2.93
C LYS B 14 -4.11 17.52 3.81
N ASP B 15 -4.09 17.09 5.07
CA ASP B 15 -2.91 17.29 5.90
C ASP B 15 -2.61 16.14 6.82
N GLY B 16 -3.53 15.19 7.02
CA GLY B 16 -3.32 14.17 8.01
C GLY B 16 -3.49 14.63 9.43
N LYS B 17 -4.22 15.71 9.66
CA LYS B 17 -4.41 16.26 10.99
C LYS B 17 -5.82 16.09 11.51
N GLN B 18 -6.71 15.47 10.75
CA GLN B 18 -8.09 15.30 11.19
C GLN B 18 -8.35 13.82 11.43
N THR B 19 -8.94 13.51 12.56
CA THR B 19 -9.38 12.15 12.86
C THR B 19 -10.89 12.09 12.77
N LEU B 20 -11.42 10.88 12.91
CA LEU B 20 -12.84 10.68 12.77
C LEU B 20 -13.22 9.44 13.55
N VAL B 21 -14.34 9.52 14.27
CA VAL B 21 -14.88 8.34 14.94
C VAL B 21 -16.25 8.06 14.37
N LEU B 22 -16.65 6.80 14.44
CA LEU B 22 -17.96 6.40 13.98
C LEU B 22 -18.62 5.54 15.05
N ASN B 23 -19.94 5.57 15.07
CA ASN B 23 -20.71 4.74 15.94
C ASN B 23 -21.72 3.98 15.11
N PRO B 24 -22.02 2.73 15.45
CA PRO B 24 -23.02 1.98 14.70
C PRO B 24 -24.42 2.50 14.96
N ARG B 25 -25.26 2.38 13.95
CA ARG B 25 -26.64 2.83 14.06
C ARG B 25 -27.55 1.74 13.50
N GLY B 26 -27.30 0.51 13.92
CA GLY B 26 -28.18 -0.60 13.63
C GLY B 26 -28.16 -1.05 12.18
N VAL B 27 -28.94 -2.10 11.93
CA VAL B 27 -29.08 -2.67 10.60
C VAL B 27 -30.53 -2.51 10.18
N ASN B 28 -30.75 -1.88 9.04
CA ASN B 28 -32.08 -1.79 8.47
C ASN B 28 -32.55 -3.17 8.05
N PRO B 29 -33.61 -3.71 8.65
CA PRO B 29 -34.03 -5.08 8.30
C PRO B 29 -34.73 -5.20 6.97
N THR B 30 -35.13 -4.08 6.36
CA THR B 30 -35.84 -4.16 5.09
C THR B 30 -34.92 -4.51 3.94
N ASN B 31 -33.66 -4.07 4.00
CA ASN B 31 -32.74 -4.29 2.90
C ASN B 31 -31.34 -4.71 3.33
N GLY B 32 -31.06 -4.78 4.62
CA GLY B 32 -29.76 -5.23 5.08
C GLY B 32 -28.65 -4.24 4.82
N VAL B 33 -28.83 -3.00 5.27
CA VAL B 33 -27.85 -1.94 5.06
C VAL B 33 -27.40 -1.46 6.43
N ALA B 34 -26.16 -1.74 6.79
CA ALA B 34 -25.63 -1.25 8.04
C ALA B 34 -25.21 0.21 7.89
N SER B 35 -25.25 0.92 9.00
CA SER B 35 -24.97 2.35 9.01
C SER B 35 -23.98 2.69 10.11
N LEU B 36 -23.25 3.78 9.89
CA LEU B 36 -22.29 4.32 10.83
C LEU B 36 -22.40 5.83 10.76
N SER B 37 -22.21 6.49 11.89
CA SER B 37 -22.38 7.94 11.90
C SER B 37 -21.45 8.57 12.91
N GLN B 38 -21.09 9.82 12.66
CA GLN B 38 -20.31 10.59 13.61
C GLN B 38 -21.24 11.15 14.67
N ALA B 39 -20.80 11.12 15.93
CA ALA B 39 -21.60 11.57 17.05
C ALA B 39 -21.63 13.10 17.04
N GLY B 40 -22.50 13.66 16.20
CA GLY B 40 -22.63 15.09 16.07
C GLY B 40 -23.62 15.65 17.07
N ALA B 41 -23.81 16.97 16.99
CA ALA B 41 -24.77 17.64 17.86
C ALA B 41 -26.19 17.45 17.34
N VAL B 42 -26.47 17.96 16.15
CA VAL B 42 -27.79 17.83 15.55
C VAL B 42 -27.76 16.63 14.62
N PRO B 43 -28.73 15.71 14.70
CA PRO B 43 -28.69 14.50 13.87
C PRO B 43 -28.88 14.75 12.39
N ALA B 44 -29.32 15.93 11.98
CA ALA B 44 -29.34 16.24 10.55
C ALA B 44 -27.93 16.45 10.03
N LEU B 45 -27.01 16.89 10.88
CA LEU B 45 -25.62 17.13 10.48
C LEU B 45 -24.75 15.99 11.01
N GLU B 46 -24.76 14.88 10.29
CA GLU B 46 -23.98 13.72 10.69
C GLU B 46 -23.37 13.11 9.45
N LYS B 47 -22.05 12.96 9.45
CA LYS B 47 -21.33 12.31 8.36
C LYS B 47 -21.66 10.83 8.36
N ARG B 48 -22.43 10.38 7.38
CA ARG B 48 -22.98 9.03 7.42
C ARG B 48 -22.28 8.12 6.44
N VAL B 49 -22.09 6.87 6.85
CA VAL B 49 -21.42 5.85 6.05
C VAL B 49 -22.27 4.59 6.12
N THR B 50 -22.78 4.15 4.98
CA THR B 50 -23.57 2.93 4.92
C THR B 50 -22.83 1.87 4.12
N VAL B 51 -23.02 0.63 4.52
CA VAL B 51 -22.36 -0.50 3.86
C VAL B 51 -23.35 -1.65 3.78
N SER B 52 -23.37 -2.33 2.63
CA SER B 52 -24.28 -3.46 2.45
C SER B 52 -23.66 -4.46 1.50
N VAL B 53 -23.49 -5.68 1.98
CA VAL B 53 -23.12 -6.82 1.13
C VAL B 53 -24.44 -7.42 0.67
N SER B 54 -24.41 -8.26 -0.35
CA SER B 54 -25.65 -8.85 -0.84
C SER B 54 -25.58 -10.37 -0.89
N GLN B 55 -26.59 -10.98 -1.50
CA GLN B 55 -26.72 -12.41 -1.68
C GLN B 55 -27.21 -12.64 -3.11
N PRO B 56 -27.03 -13.86 -3.65
CA PRO B 56 -27.55 -14.07 -5.00
C PRO B 56 -29.08 -14.20 -5.03
N LYS B 61 -27.02 -15.72 -9.20
CA LYS B 61 -26.53 -14.58 -9.97
C LYS B 61 -25.06 -14.33 -9.69
N ASN B 62 -24.80 -13.29 -8.90
CA ASN B 62 -23.45 -12.86 -8.57
C ASN B 62 -23.49 -12.00 -7.33
N TYR B 63 -22.37 -11.95 -6.62
CA TYR B 63 -22.26 -11.19 -5.38
C TYR B 63 -22.18 -9.71 -5.67
N LYS B 64 -22.44 -8.91 -4.63
CA LYS B 64 -22.47 -7.46 -4.78
C LYS B 64 -22.23 -6.81 -3.43
N VAL B 65 -21.26 -5.91 -3.37
CA VAL B 65 -20.95 -5.15 -2.17
C VAL B 65 -21.05 -3.68 -2.54
N GLN B 66 -21.66 -2.87 -1.69
CA GLN B 66 -21.62 -1.45 -1.95
C GLN B 66 -21.47 -0.66 -0.66
N VAL B 67 -20.79 0.47 -0.77
CA VAL B 67 -20.53 1.39 0.33
C VAL B 67 -20.93 2.77 -0.12
N LYS B 68 -21.88 3.38 0.58
CA LYS B 68 -22.37 4.71 0.23
C LYS B 68 -22.06 5.66 1.37
N ILE B 69 -21.21 6.65 1.10
CA ILE B 69 -20.71 7.56 2.11
C ILE B 69 -21.09 8.99 1.72
N GLN B 70 -21.68 9.72 2.65
CA GLN B 70 -22.08 11.08 2.34
C GLN B 70 -21.87 12.00 3.53
N ASN B 71 -21.38 13.20 3.24
CA ASN B 71 -21.04 14.22 4.21
C ASN B 71 -21.83 15.47 3.87
N PRO B 72 -22.67 15.98 4.76
CA PRO B 72 -23.32 17.28 4.52
C PRO B 72 -22.54 18.42 5.17
N THR B 73 -22.67 19.60 4.57
CA THR B 73 -22.18 20.83 5.18
C THR B 73 -23.32 21.82 5.27
N ALA B 74 -23.29 22.64 6.32
CA ALA B 74 -24.39 23.54 6.60
C ALA B 74 -23.88 24.88 7.09
N CYS B 75 -24.68 25.91 6.85
CA CYS B 75 -24.41 27.24 7.35
C CYS B 75 -25.69 27.80 7.94
N THR B 76 -25.54 28.67 8.94
CA THR B 76 -26.68 29.23 9.65
C THR B 76 -27.28 30.35 8.81
N ALA B 77 -28.46 30.10 8.25
CA ALA B 77 -29.21 31.15 7.58
C ALA B 77 -29.67 32.18 8.60
N ASN B 78 -29.67 33.45 8.19
CA ASN B 78 -29.93 34.53 9.13
C ASN B 78 -31.41 34.62 9.49
N GLY B 79 -32.28 34.11 8.63
CA GLY B 79 -33.69 34.18 8.90
C GLY B 79 -34.18 33.19 9.94
N SER B 80 -33.35 32.21 10.29
CA SER B 80 -33.74 31.16 11.21
C SER B 80 -32.70 31.00 12.30
N CYS B 81 -33.08 30.31 13.38
CA CYS B 81 -32.14 30.02 14.45
C CYS B 81 -31.43 28.69 14.22
N ASP B 82 -32.16 27.70 13.73
CA ASP B 82 -31.58 26.38 13.49
C ASP B 82 -30.72 26.40 12.23
N PRO B 83 -29.64 25.61 12.19
CA PRO B 83 -28.86 25.52 10.94
C PRO B 83 -29.59 24.67 9.92
N SER B 84 -29.41 25.02 8.66
CA SER B 84 -30.07 24.34 7.55
C SER B 84 -29.02 23.76 6.61
N VAL B 85 -29.29 22.56 6.10
CA VAL B 85 -28.33 21.86 5.26
C VAL B 85 -28.33 22.47 3.88
N THR B 86 -27.15 22.81 3.37
CA THR B 86 -27.01 23.42 2.05
C THR B 86 -26.64 22.41 0.98
N ARG B 87 -25.59 21.62 1.21
CA ARG B 87 -25.08 20.75 0.17
C ARG B 87 -24.44 19.53 0.81
N GLN B 88 -24.29 18.48 0.01
CA GLN B 88 -23.67 17.23 0.42
C GLN B 88 -22.43 16.98 -0.42
N ALA B 89 -21.80 15.84 -0.16
CA ALA B 89 -20.77 15.32 -1.04
C ALA B 89 -20.93 13.79 -1.08
N TYR B 90 -21.70 13.31 -2.04
CA TYR B 90 -22.00 11.89 -2.10
C TYR B 90 -20.83 11.13 -2.67
N ALA B 91 -20.73 9.86 -2.29
CA ALA B 91 -19.77 8.94 -2.88
C ALA B 91 -20.27 7.54 -2.64
N ASP B 92 -19.91 6.61 -3.53
CA ASP B 92 -20.27 5.21 -3.34
C ASP B 92 -19.34 4.32 -4.16
N VAL B 93 -19.05 3.16 -3.60
CA VAL B 93 -18.31 2.13 -4.31
C VAL B 93 -19.23 0.93 -4.46
N THR B 94 -19.08 0.21 -5.58
CA THR B 94 -19.88 -0.99 -5.84
C THR B 94 -18.94 -2.06 -6.40
N PHE B 95 -18.54 -2.99 -5.56
CA PHE B 95 -17.79 -4.16 -5.99
C PHE B 95 -18.75 -5.25 -6.45
N SER B 96 -18.37 -5.95 -7.52
CA SER B 96 -19.17 -7.04 -8.06
C SER B 96 -18.26 -8.21 -8.35
N PHE B 97 -18.47 -9.32 -7.67
CA PHE B 97 -17.70 -10.54 -7.86
C PHE B 97 -18.63 -11.63 -8.37
N THR B 98 -18.07 -12.81 -8.57
CA THR B 98 -18.85 -13.97 -9.01
C THR B 98 -18.76 -15.07 -7.96
N GLN B 99 -19.41 -16.20 -8.25
CA GLN B 99 -19.41 -17.33 -7.32
C GLN B 99 -18.02 -17.95 -7.18
N TYR B 100 -17.22 -17.90 -8.24
CA TYR B 100 -15.94 -18.60 -8.25
C TYR B 100 -14.78 -17.66 -7.95
N SER B 101 -15.04 -16.55 -7.29
CA SER B 101 -13.98 -15.60 -6.97
C SER B 101 -13.20 -16.10 -5.78
N THR B 102 -11.88 -16.16 -5.90
CA THR B 102 -11.06 -16.61 -4.79
C THR B 102 -10.89 -15.49 -3.77
N ASP B 103 -10.17 -15.77 -2.69
CA ASP B 103 -9.96 -14.79 -1.64
C ASP B 103 -8.92 -13.75 -2.07
N GLU B 104 -7.80 -14.22 -2.61
CA GLU B 104 -6.72 -13.35 -3.04
C GLU B 104 -7.16 -12.41 -4.15
N GLU B 105 -7.94 -12.93 -5.09
CA GLU B 105 -8.40 -12.12 -6.21
C GLU B 105 -9.44 -11.10 -5.78
N ARG B 106 -10.18 -11.36 -4.69
CA ARG B 106 -11.04 -10.33 -4.15
C ARG B 106 -10.26 -9.27 -3.42
N ALA B 107 -9.23 -9.67 -2.66
CA ALA B 107 -8.48 -8.69 -1.87
C ALA B 107 -7.64 -7.78 -2.76
N PHE B 108 -7.23 -8.30 -3.91
CA PHE B 108 -6.43 -7.53 -4.88
C PHE B 108 -7.17 -6.30 -5.34
N VAL B 109 -8.50 -6.42 -5.55
CA VAL B 109 -9.28 -5.32 -6.08
C VAL B 109 -9.39 -4.19 -5.06
N ARG B 110 -9.74 -4.52 -3.82
CA ARG B 110 -9.91 -3.47 -2.83
C ARG B 110 -8.58 -2.84 -2.44
N THR B 111 -7.48 -3.59 -2.46
CA THR B 111 -6.23 -2.96 -2.09
C THR B 111 -5.69 -2.11 -3.23
N GLU B 112 -5.95 -2.53 -4.47
CA GLU B 112 -5.61 -1.72 -5.63
C GLU B 112 -6.38 -0.41 -5.64
N LEU B 113 -7.67 -0.47 -5.33
CA LEU B 113 -8.48 0.76 -5.30
C LEU B 113 -8.07 1.65 -4.13
N ALA B 114 -7.77 1.05 -2.97
CA ALA B 114 -7.43 1.83 -1.79
C ALA B 114 -6.09 2.52 -1.95
N ALA B 115 -5.12 1.87 -2.59
CA ALA B 115 -3.86 2.54 -2.83
C ALA B 115 -3.89 3.44 -4.05
N LEU B 116 -4.83 3.22 -4.97
CA LEU B 116 -4.93 4.09 -6.12
C LEU B 116 -5.65 5.39 -5.80
N LEU B 117 -6.46 5.41 -4.73
CA LEU B 117 -7.08 6.66 -4.31
C LEU B 117 -6.10 7.65 -3.69
N ALA B 118 -4.85 7.28 -3.45
CA ALA B 118 -3.85 8.22 -2.94
C ALA B 118 -2.75 8.47 -3.95
N SER B 119 -2.97 8.11 -5.22
CA SER B 119 -1.99 8.32 -6.25
C SER B 119 -1.85 9.81 -6.57
N PRO B 120 -0.75 10.21 -7.20
CA PRO B 120 -0.68 11.59 -7.72
C PRO B 120 -1.57 11.84 -8.92
N LEU B 121 -2.28 10.83 -9.42
CA LEU B 121 -3.29 11.07 -10.45
C LEU B 121 -4.58 11.60 -9.84
N LEU B 122 -5.16 10.86 -8.89
CA LEU B 122 -6.48 11.21 -8.40
C LEU B 122 -6.50 12.39 -7.45
N ILE B 123 -5.38 12.72 -6.80
CA ILE B 123 -5.36 13.91 -5.96
C ILE B 123 -5.40 15.16 -6.81
N ASP B 124 -5.03 15.07 -8.08
CA ASP B 124 -5.24 16.14 -9.03
C ASP B 124 -6.59 16.04 -9.72
N ALA B 125 -7.16 14.84 -9.79
CA ALA B 125 -8.42 14.64 -10.47
C ALA B 125 -9.63 14.85 -9.58
N ILE B 126 -9.44 15.00 -8.28
CA ILE B 126 -10.53 15.26 -7.35
C ILE B 126 -10.41 16.64 -6.71
N ASP B 127 -9.23 16.97 -6.20
CA ASP B 127 -9.08 18.21 -5.46
C ASP B 127 -9.03 19.43 -6.36
N GLN B 128 -8.81 19.26 -7.66
CA GLN B 128 -8.86 20.36 -8.61
C GLN B 128 -9.72 20.03 -9.82
N LEU B 129 -10.23 18.80 -9.91
CA LEU B 129 -11.12 18.32 -10.95
C LEU B 129 -10.50 18.44 -12.34
N ASN B 130 -9.22 18.20 -12.43
CA ASN B 130 -8.62 18.24 -13.73
C ASN B 130 -8.90 16.95 -14.49
N PRO B 131 -9.22 17.02 -15.77
CA PRO B 131 -9.31 15.80 -16.58
C PRO B 131 -7.94 15.24 -16.92
N ALA B 132 -7.90 14.21 -17.75
CA ALA B 132 -6.61 13.71 -18.19
C ALA B 132 -6.41 13.95 -19.68
N ALA C 2 -3.24 15.76 -14.03
CA ALA C 2 -3.46 16.42 -15.32
C ALA C 2 -2.79 15.63 -16.44
N LYS C 3 -1.51 15.89 -16.65
CA LYS C 3 -0.73 15.14 -17.62
C LYS C 3 -0.52 13.74 -17.06
N LEU C 4 -1.27 12.77 -17.60
CA LEU C 4 -1.25 11.42 -17.06
C LEU C 4 0.02 10.71 -17.45
N GLU C 5 0.58 9.96 -16.50
CA GLU C 5 1.86 9.29 -16.70
C GLU C 5 1.79 7.85 -16.25
N THR C 6 2.94 7.17 -16.22
CA THR C 6 3.00 5.77 -15.84
C THR C 6 2.82 5.63 -14.33
N VAL C 7 1.57 5.48 -13.90
CA VAL C 7 1.30 5.35 -12.47
C VAL C 7 1.70 3.96 -12.00
N THR C 8 2.54 3.90 -10.98
CA THR C 8 2.95 2.65 -10.38
C THR C 8 2.43 2.60 -8.95
N LEU C 9 1.77 1.50 -8.62
CA LEU C 9 1.28 1.29 -7.26
C LEU C 9 2.39 0.66 -6.43
N GLY C 10 2.06 0.19 -5.24
CA GLY C 10 3.07 -0.47 -4.44
C GLY C 10 2.52 -1.21 -3.23
N ASN C 11 2.94 -2.46 -3.07
CA ASN C 11 2.68 -3.31 -1.91
C ASN C 11 1.18 -3.49 -1.67
N ILE C 12 0.54 -4.15 -2.64
CA ILE C 12 -0.90 -4.25 -2.65
C ILE C 12 -1.35 -5.69 -2.77
N GLY C 13 -2.34 -6.05 -1.95
CA GLY C 13 -3.12 -7.27 -2.05
C GLY C 13 -2.68 -8.35 -1.09
N LYS C 14 -3.31 -8.36 0.09
CA LYS C 14 -3.33 -9.43 1.10
C LYS C 14 -1.99 -9.68 1.79
N ASP C 15 -0.88 -9.21 1.21
CA ASP C 15 0.40 -9.33 1.88
C ASP C 15 1.31 -8.13 1.69
N GLY C 16 1.01 -7.23 0.76
CA GLY C 16 1.94 -6.17 0.46
C GLY C 16 3.15 -6.59 -0.33
N LYS C 17 3.06 -7.70 -1.05
CA LYS C 17 4.19 -8.21 -1.83
C LYS C 17 3.98 -8.09 -3.32
N GLN C 18 2.88 -7.54 -3.79
CA GLN C 18 2.63 -7.42 -5.21
C GLN C 18 2.65 -5.94 -5.58
N THR C 19 3.37 -5.61 -6.65
CA THR C 19 3.38 -4.28 -7.21
C THR C 19 2.59 -4.28 -8.51
N LEU C 20 2.41 -3.09 -9.06
CA LEU C 20 1.61 -2.96 -10.27
C LEU C 20 2.07 -1.71 -11.00
N VAL C 21 2.21 -1.82 -12.32
CA VAL C 21 2.50 -0.66 -13.14
C VAL C 21 1.35 -0.45 -14.09
N LEU C 22 1.16 0.79 -14.51
CA LEU C 22 0.15 1.12 -15.48
C LEU C 22 0.74 1.98 -16.58
N ASN C 23 0.15 1.88 -17.75
CA ASN C 23 0.53 2.72 -18.86
C ASN C 23 -0.71 3.40 -19.40
N PRO C 24 -0.60 4.64 -19.85
CA PRO C 24 -1.77 5.33 -20.41
C PRO C 24 -2.15 4.74 -21.75
N ARG C 25 -3.44 4.80 -22.04
CA ARG C 25 -3.95 4.30 -23.31
C ARG C 25 -4.92 5.32 -23.88
N GLY C 26 -4.50 6.58 -23.87
CA GLY C 26 -5.21 7.63 -24.57
C GLY C 26 -6.50 8.05 -23.89
N VAL C 27 -7.14 9.04 -24.48
CA VAL C 27 -8.41 9.57 -24.02
C VAL C 27 -9.44 9.33 -25.11
N ASN C 28 -10.53 8.66 -24.75
CA ASN C 28 -11.64 8.48 -25.67
C ASN C 28 -12.29 9.84 -25.93
N PRO C 29 -12.27 10.35 -27.16
CA PRO C 29 -12.83 11.68 -27.41
C PRO C 29 -14.34 11.73 -27.41
N THR C 30 -15.01 10.58 -27.46
CA THR C 30 -16.47 10.60 -27.51
C THR C 30 -17.08 10.95 -26.17
N ASN C 31 -16.44 10.56 -25.07
CA ASN C 31 -17.00 10.79 -23.75
C ASN C 31 -15.99 11.28 -22.72
N GLY C 32 -14.71 11.41 -23.07
CA GLY C 32 -13.74 11.93 -22.14
C GLY C 32 -13.40 10.99 -21.01
N VAL C 33 -13.04 9.75 -21.34
CA VAL C 33 -12.72 8.74 -20.35
C VAL C 33 -11.28 8.31 -20.58
N ALA C 34 -10.41 8.66 -19.64
CA ALA C 34 -9.02 8.23 -19.74
C ALA C 34 -8.90 6.79 -19.26
N SER C 35 -7.89 6.11 -19.79
CA SER C 35 -7.69 4.70 -19.50
C SER C 35 -6.24 4.43 -19.12
N LEU C 36 -6.05 3.37 -18.35
CA LEU C 36 -4.75 2.91 -17.91
C LEU C 36 -4.78 1.39 -17.94
N SER C 37 -3.66 0.77 -18.29
CA SER C 37 -3.67 -0.68 -18.40
C SER C 37 -2.31 -1.24 -18.02
N GLN C 38 -2.32 -2.48 -17.55
CA GLN C 38 -1.07 -3.19 -17.29
C GLN C 38 -0.53 -3.75 -18.58
N ALA C 39 0.78 -3.66 -18.76
CA ALA C 39 1.43 -4.12 -19.99
C ALA C 39 1.49 -5.64 -19.98
N GLY C 40 0.36 -6.26 -20.34
CA GLY C 40 0.25 -7.70 -20.37
C GLY C 40 0.72 -8.29 -21.69
N ALA C 41 0.61 -9.61 -21.78
CA ALA C 41 0.98 -10.29 -23.02
C ALA C 41 -0.14 -10.19 -24.04
N VAL C 42 -1.31 -10.74 -23.73
CA VAL C 42 -2.45 -10.69 -24.62
C VAL C 42 -3.32 -9.51 -24.20
N PRO C 43 -3.72 -8.64 -25.13
CA PRO C 43 -4.51 -7.45 -24.73
C PRO C 43 -5.90 -7.75 -24.21
N ALA C 44 -6.41 -8.98 -24.38
CA ALA C 44 -7.67 -9.32 -23.73
C ALA C 44 -7.48 -9.49 -22.23
N LEU C 45 -6.28 -9.85 -21.80
CA LEU C 45 -5.97 -10.05 -20.39
C LEU C 45 -5.16 -8.86 -19.89
N GLU C 46 -5.85 -7.76 -19.59
CA GLU C 46 -5.20 -6.56 -19.10
C GLU C 46 -6.05 -5.96 -18.01
N LYS C 47 -5.45 -5.75 -16.84
CA LYS C 47 -6.12 -5.11 -15.72
C LYS C 47 -6.34 -3.65 -16.06
N ARG C 48 -7.58 -3.26 -16.29
CA ARG C 48 -7.86 -1.94 -16.84
C ARG C 48 -8.46 -1.02 -15.79
N VAL C 49 -8.07 0.25 -15.84
CA VAL C 49 -8.50 1.27 -14.91
C VAL C 49 -8.90 2.49 -15.72
N THR C 50 -10.17 2.88 -15.65
CA THR C 50 -10.65 4.05 -16.37
C THR C 50 -11.06 5.12 -15.37
N VAL C 51 -10.86 6.37 -15.75
CA VAL C 51 -11.19 7.50 -14.89
C VAL C 51 -11.78 8.61 -15.75
N SER C 52 -12.83 9.25 -15.27
CA SER C 52 -13.46 10.33 -16.01
C SER C 52 -14.07 11.33 -15.05
N VAL C 53 -13.62 12.57 -15.15
CA VAL C 53 -14.27 13.69 -14.47
C VAL C 53 -15.30 14.22 -15.44
N SER C 54 -16.24 15.03 -14.97
CA SER C 54 -17.27 15.55 -15.85
C SER C 54 -17.35 17.06 -15.81
N GLN C 55 -18.38 17.62 -16.44
CA GLN C 55 -18.67 19.03 -16.51
C GLN C 55 -20.18 19.20 -16.28
N PRO C 56 -20.63 20.41 -15.90
CA PRO C 56 -22.09 20.55 -15.76
C PRO C 56 -22.82 20.61 -17.10
N LYS C 61 -25.65 22.09 -13.39
CA LYS C 61 -26.05 20.96 -12.57
C LYS C 61 -25.11 20.78 -11.39
N ASN C 62 -24.24 19.78 -11.50
CA ASN C 62 -23.30 19.42 -10.44
C ASN C 62 -22.17 18.58 -11.02
N TYR C 63 -21.04 18.62 -10.35
CA TYR C 63 -19.85 17.90 -10.82
C TYR C 63 -19.99 16.40 -10.57
N LYS C 64 -19.16 15.63 -11.26
CA LYS C 64 -19.24 14.18 -11.18
C LYS C 64 -17.90 13.59 -11.57
N VAL C 65 -17.36 12.74 -10.72
CA VAL C 65 -16.11 12.02 -10.97
C VAL C 65 -16.41 10.54 -10.85
N GLN C 66 -15.90 9.73 -11.78
CA GLN C 66 -16.04 8.30 -11.57
C GLN C 66 -14.79 7.57 -12.01
N VAL C 67 -14.53 6.46 -11.33
CA VAL C 67 -13.39 5.59 -11.58
C VAL C 67 -13.91 4.18 -11.70
N LYS C 68 -13.69 3.55 -12.84
CA LYS C 68 -14.17 2.19 -13.09
C LYS C 68 -12.97 1.28 -13.31
N ILE C 69 -12.77 0.33 -12.42
CA ILE C 69 -11.60 -0.53 -12.41
C ILE C 69 -12.05 -1.98 -12.53
N GLN C 70 -11.46 -2.71 -13.47
CA GLN C 70 -11.86 -4.10 -13.64
C GLN C 70 -10.66 -4.97 -13.98
N ASN C 71 -10.64 -6.16 -13.38
CA ASN C 71 -9.57 -7.13 -13.50
C ASN C 71 -10.17 -8.42 -14.01
N PRO C 72 -9.75 -8.94 -15.16
CA PRO C 72 -10.19 -10.27 -15.58
C PRO C 72 -9.21 -11.36 -15.15
N THR C 73 -9.74 -12.57 -14.98
CA THR C 73 -8.93 -13.75 -14.78
C THR C 73 -9.32 -14.79 -15.81
N ALA C 74 -8.33 -15.57 -16.26
CA ALA C 74 -8.55 -16.52 -17.34
C ALA C 74 -7.82 -17.81 -17.07
N CYS C 75 -8.35 -18.88 -17.65
CA CYS C 75 -7.71 -20.19 -17.60
C CYS C 75 -7.75 -20.79 -19.00
N THR C 76 -6.75 -21.61 -19.30
CA THR C 76 -6.62 -22.20 -20.62
C THR C 76 -7.60 -23.38 -20.74
N ALA C 77 -8.64 -23.20 -21.53
CA ALA C 77 -9.53 -24.30 -21.86
C ALA C 77 -8.78 -25.32 -22.71
N ASN C 78 -9.10 -26.60 -22.50
CA ASN C 78 -8.32 -27.66 -23.13
C ASN C 78 -8.68 -27.80 -24.60
N GLY C 79 -9.87 -27.35 -25.00
CA GLY C 79 -10.28 -27.48 -26.37
C GLY C 79 -9.63 -26.48 -27.31
N SER C 80 -8.99 -25.46 -26.76
CA SER C 80 -8.40 -24.39 -27.56
C SER C 80 -6.95 -24.16 -27.14
N CYS C 81 -6.21 -23.46 -28.00
CA CYS C 81 -4.83 -23.10 -27.66
C CYS C 81 -4.78 -21.74 -26.96
N ASP C 82 -5.61 -20.79 -27.41
CA ASP C 82 -5.61 -19.47 -26.81
C ASP C 82 -6.33 -19.48 -25.46
N PRO C 83 -5.90 -18.65 -24.52
CA PRO C 83 -6.66 -18.55 -23.26
C PRO C 83 -7.93 -17.78 -23.45
N SER C 84 -8.96 -18.15 -22.70
CA SER C 84 -10.27 -17.54 -22.78
C SER C 84 -10.65 -16.94 -21.44
N VAL C 85 -11.29 -15.77 -21.47
CA VAL C 85 -11.61 -15.06 -20.25
C VAL C 85 -12.83 -15.71 -19.60
N THR C 86 -12.71 -16.01 -18.31
CA THR C 86 -13.79 -16.65 -17.57
C THR C 86 -14.61 -15.66 -16.76
N ARG C 87 -13.97 -14.82 -15.97
CA ARG C 87 -14.70 -13.95 -15.06
C ARG C 87 -13.89 -12.68 -14.81
N GLN C 88 -14.59 -11.65 -14.33
CA GLN C 88 -13.99 -10.37 -14.01
C GLN C 88 -14.18 -10.09 -12.53
N ALA C 89 -13.72 -8.91 -12.12
CA ALA C 89 -14.05 -8.37 -10.80
C ALA C 89 -14.23 -6.87 -10.98
N TYR C 90 -15.45 -6.44 -11.24
CA TYR C 90 -15.72 -5.04 -11.50
C TYR C 90 -15.72 -4.24 -10.22
N ALA C 91 -15.40 -2.95 -10.34
CA ALA C 91 -15.52 -2.01 -9.24
C ALA C 91 -15.60 -0.62 -9.84
N ASP C 92 -16.28 0.29 -9.12
CA ASP C 92 -16.34 1.67 -9.56
C ASP C 92 -16.68 2.57 -8.40
N VAL C 93 -16.12 3.78 -8.41
CA VAL C 93 -16.45 4.82 -7.45
C VAL C 93 -17.07 5.95 -8.24
N THR C 94 -18.02 6.66 -7.62
CA THR C 94 -18.68 7.81 -8.22
C THR C 94 -18.80 8.90 -7.16
N PHE C 95 -17.91 9.87 -7.23
CA PHE C 95 -18.00 11.06 -6.39
C PHE C 95 -18.90 12.08 -7.05
N SER C 96 -19.70 12.77 -6.24
CA SER C 96 -20.60 13.80 -6.73
C SER C 96 -20.51 15.02 -5.81
N PHE C 97 -20.05 16.13 -6.35
CA PHE C 97 -19.92 17.37 -5.61
C PHE C 97 -20.85 18.41 -6.22
N THR C 98 -20.84 19.61 -5.67
CA THR C 98 -21.62 20.72 -6.18
C THR C 98 -20.71 21.85 -6.62
N GLN C 99 -21.32 22.94 -7.09
CA GLN C 99 -20.55 24.09 -7.55
C GLN C 99 -19.82 24.78 -6.40
N TYR C 100 -20.39 24.74 -5.20
CA TYR C 100 -19.84 25.49 -4.07
C TYR C 100 -19.00 24.61 -3.16
N SER C 101 -18.47 23.51 -3.66
CA SER C 101 -17.66 22.62 -2.86
C SER C 101 -16.26 23.19 -2.72
N THR C 102 -15.77 23.31 -1.49
CA THR C 102 -14.43 23.83 -1.30
C THR C 102 -13.40 22.74 -1.58
N ASP C 103 -12.12 23.10 -1.44
CA ASP C 103 -11.06 22.15 -1.73
C ASP C 103 -10.91 21.15 -0.58
N GLU C 104 -10.89 21.66 0.65
CA GLU C 104 -10.73 20.82 1.83
C GLU C 104 -11.87 19.83 1.97
N GLU C 105 -13.09 20.28 1.70
CA GLU C 105 -14.26 19.43 1.83
C GLU C 105 -14.31 18.37 0.73
N ARG C 106 -13.69 18.63 -0.42
CA ARG C 106 -13.57 17.58 -1.41
C ARG C 106 -12.49 16.58 -1.03
N ALA C 107 -11.37 17.05 -0.47
CA ALA C 107 -10.29 16.12 -0.15
C ALA C 107 -10.64 15.22 1.03
N PHE C 108 -11.50 15.73 1.92
CA PHE C 108 -11.95 14.97 3.08
C PHE C 108 -12.65 13.69 2.68
N VAL C 109 -13.44 13.75 1.60
CA VAL C 109 -14.22 12.60 1.16
C VAL C 109 -13.32 11.49 0.63
N ARG C 110 -12.38 11.85 -0.26
CA ARG C 110 -11.54 10.82 -0.84
C ARG C 110 -10.55 10.26 0.18
N THR C 111 -10.11 11.07 1.14
CA THR C 111 -9.16 10.50 2.10
C THR C 111 -9.89 9.63 3.12
N GLU C 112 -11.13 10.00 3.46
CA GLU C 112 -11.96 9.18 4.32
C GLU C 112 -12.26 7.84 3.67
N LEU C 113 -12.59 7.85 2.38
CA LEU C 113 -12.86 6.59 1.68
C LEU C 113 -11.60 5.75 1.53
N ALA C 114 -10.47 6.40 1.25
CA ALA C 114 -9.23 5.67 1.02
C ALA C 114 -8.71 5.04 2.31
N ALA C 115 -8.88 5.71 3.43
CA ALA C 115 -8.46 5.09 4.68
C ALA C 115 -9.52 4.15 5.24
N LEU C 116 -10.78 4.30 4.83
CA LEU C 116 -11.80 3.39 5.30
C LEU C 116 -11.79 2.07 4.54
N LEU C 117 -11.22 2.05 3.33
CA LEU C 117 -11.07 0.78 2.62
C LEU C 117 -10.02 -0.14 3.22
N ALA C 118 -9.24 0.30 4.21
CA ALA C 118 -8.30 -0.58 4.88
C ALA C 118 -8.67 -0.81 6.34
N SER C 119 -9.92 -0.51 6.71
CA SER C 119 -10.38 -0.70 8.07
C SER C 119 -10.51 -2.19 8.37
N PRO C 120 -10.54 -2.57 9.65
CA PRO C 120 -10.91 -3.95 9.99
C PRO C 120 -12.38 -4.28 9.77
N LEU C 121 -13.20 -3.32 9.33
CA LEU C 121 -14.56 -3.64 8.92
C LEU C 121 -14.58 -4.20 7.51
N LEU C 122 -14.05 -3.47 6.54
CA LEU C 122 -14.21 -3.85 5.15
C LEU C 122 -13.32 -5.01 4.73
N ILE C 123 -12.20 -5.26 5.43
CA ILE C 123 -11.39 -6.42 5.09
C ILE C 123 -12.11 -7.70 5.47
N ASP C 124 -13.06 -7.63 6.39
CA ASP C 124 -13.95 -8.74 6.67
C ASP C 124 -15.20 -8.72 5.79
N ALA C 125 -15.58 -7.55 5.28
CA ALA C 125 -16.78 -7.43 4.47
C ALA C 125 -16.52 -7.67 2.99
N ILE C 126 -15.27 -7.77 2.57
CA ILE C 126 -14.94 -8.04 1.18
C ILE C 126 -14.26 -9.40 1.03
N ASP C 127 -13.24 -9.66 1.84
CA ASP C 127 -12.46 -10.87 1.67
C ASP C 127 -13.18 -12.13 2.16
N GLN C 128 -14.23 -11.97 2.95
CA GLN C 128 -15.04 -13.10 3.37
C GLN C 128 -16.53 -12.85 3.16
N LEU C 129 -16.89 -11.64 2.72
CA LEU C 129 -18.27 -11.24 2.40
C LEU C 129 -19.20 -11.38 3.58
N ASN C 130 -18.70 -11.08 4.76
CA ASN C 130 -19.58 -11.14 5.90
C ASN C 130 -20.44 -9.88 5.96
N PRO C 131 -21.72 -10.01 6.26
CA PRO C 131 -22.54 -8.82 6.53
C PRO C 131 -22.23 -8.21 7.89
N ALA C 132 -23.00 -7.21 8.28
CA ALA C 132 -22.82 -6.66 9.62
C ALA C 132 -24.05 -6.93 10.49
N VAL D 7 11.68 -14.86 14.04
CA VAL D 7 12.62 -15.53 14.92
C VAL D 7 13.63 -16.30 14.10
N THR D 8 14.82 -15.73 13.94
CA THR D 8 15.88 -16.35 13.16
C THR D 8 17.08 -16.65 14.04
N GLN D 9 18.03 -17.42 13.50
CA GLN D 9 19.19 -17.83 14.26
C GLN D 9 20.29 -18.25 13.30
N SER D 10 21.51 -17.78 13.57
CA SER D 10 22.71 -18.15 12.86
C SER D 10 23.72 -18.75 13.82
N PRO D 11 24.64 -19.64 13.37
CA PRO D 11 25.60 -20.23 14.31
C PRO D 11 26.69 -19.26 14.75
N ALA D 12 27.63 -19.75 15.54
CA ALA D 12 28.61 -18.90 16.18
C ALA D 12 29.66 -18.42 15.17
N SER D 13 30.50 -17.49 15.63
CA SER D 13 31.49 -16.87 14.77
C SER D 13 32.67 -17.82 14.55
N LEU D 14 33.14 -17.88 13.31
CA LEU D 14 34.24 -18.76 12.95
C LEU D 14 34.96 -18.27 11.70
N VAL D 16 38.03 -20.55 10.53
CA VAL D 16 38.72 -21.81 10.21
C VAL D 16 40.02 -21.59 9.44
N ALA D 17 39.94 -21.28 8.15
CA ALA D 17 41.11 -21.25 7.30
C ALA D 17 40.87 -20.24 6.18
N THR D 18 41.81 -20.16 5.25
CA THR D 18 41.71 -19.29 4.09
C THR D 18 41.67 -20.07 2.79
N GLY D 19 41.25 -21.33 2.83
CA GLY D 19 41.23 -22.14 1.63
C GLY D 19 40.06 -23.10 1.54
N GLU D 20 39.06 -22.91 2.40
CA GLU D 20 37.98 -23.86 2.55
C GLU D 20 36.63 -23.14 2.49
N LYS D 21 35.57 -23.93 2.55
CA LYS D 21 34.21 -23.45 2.62
C LYS D 21 33.82 -23.18 4.07
N VAL D 22 32.62 -22.66 4.28
CA VAL D 22 32.08 -22.47 5.62
C VAL D 22 30.56 -22.57 5.56
N THR D 23 29.98 -23.29 6.51
CA THR D 23 28.54 -23.47 6.57
C THR D 23 27.92 -22.46 7.54
N ILE D 24 26.97 -21.68 7.06
CA ILE D 24 26.18 -20.79 7.90
C ILE D 24 24.73 -21.24 7.82
N ARG D 25 24.12 -21.52 8.97
CA ARG D 25 22.78 -22.09 9.02
C ARG D 25 21.80 -21.06 9.55
N CYS D 26 20.95 -20.55 8.68
CA CYS D 26 19.86 -19.67 9.09
C CYS D 26 18.65 -20.56 9.32
N ILE D 27 18.22 -20.65 10.58
CA ILE D 27 17.08 -21.47 10.95
C ILE D 27 16.01 -20.56 11.56
N THR D 28 14.76 -20.80 11.17
CA THR D 28 13.65 -19.93 11.54
C THR D 28 12.51 -20.78 12.09
N SER D 29 12.08 -20.46 13.30
CA SER D 29 11.09 -21.26 14.00
C SER D 29 9.66 -20.75 13.85
N THR D 30 9.45 -19.68 13.10
CA THR D 30 8.10 -19.14 13.02
C THR D 30 7.24 -19.93 12.04
N ASP D 31 7.57 -19.87 10.77
CA ASP D 31 6.75 -20.45 9.71
C ASP D 31 7.68 -21.10 8.69
N ILE D 32 7.13 -21.44 7.53
CA ILE D 32 7.92 -21.88 6.39
C ILE D 32 8.03 -20.73 5.41
N ASP D 33 9.22 -20.56 4.84
CA ASP D 33 9.53 -19.41 4.02
C ASP D 33 10.22 -19.88 2.74
N ASP D 34 9.86 -19.26 1.63
CA ASP D 34 10.59 -19.44 0.38
C ASP D 34 11.57 -18.31 0.13
N ASP D 35 11.63 -17.34 1.05
CA ASP D 35 12.42 -16.12 0.85
C ASP D 35 13.21 -15.87 2.12
N MET D 36 14.53 -15.71 1.97
CA MET D 36 15.43 -15.60 3.11
C MET D 36 16.71 -14.97 2.60
N ASN D 37 17.04 -13.78 3.06
CA ASN D 37 18.08 -12.99 2.42
C ASN D 37 19.32 -12.86 3.29
N TRP D 38 20.42 -12.52 2.62
CA TRP D 38 21.74 -12.43 3.22
C TRP D 38 22.42 -11.12 2.85
N TYR D 39 22.93 -10.44 3.87
CA TYR D 39 23.71 -9.22 3.72
C TYR D 39 25.10 -9.46 4.27
N GLN D 40 26.04 -8.60 3.88
CA GLN D 40 27.38 -8.67 4.43
C GLN D 40 27.83 -7.31 4.92
N GLN D 41 28.42 -7.26 6.11
CA GLN D 41 28.78 -6.01 6.77
C GLN D 41 30.30 -5.91 6.89
N LYS D 42 30.93 -5.27 5.93
CA LYS D 42 32.30 -4.87 6.12
C LYS D 42 32.35 -3.67 7.08
N PRO D 43 33.38 -3.56 7.92
CA PRO D 43 33.35 -2.59 9.00
C PRO D 43 33.59 -1.14 8.59
N GLY D 44 33.52 -0.81 7.30
CA GLY D 44 33.68 0.58 6.90
C GLY D 44 32.40 1.22 6.40
N GLU D 45 31.46 0.42 5.92
CA GLU D 45 30.33 0.93 5.15
C GLU D 45 29.03 0.25 5.57
N PRO D 46 27.89 0.85 5.25
CA PRO D 46 26.62 0.14 5.41
C PRO D 46 26.55 -1.04 4.47
N PRO D 47 25.75 -2.09 4.82
CA PRO D 47 25.96 -3.40 4.19
C PRO D 47 25.50 -3.51 2.75
N LYS D 48 25.73 -4.68 2.17
CA LYS D 48 25.39 -4.97 0.78
C LYS D 48 24.71 -6.33 0.73
N LEU D 49 23.70 -6.45 -0.12
CA LEU D 49 23.00 -7.72 -0.17
C LEU D 49 23.73 -8.72 -1.05
N LEU D 50 23.12 -9.89 -1.13
CA LEU D 50 23.44 -10.89 -2.13
C LEU D 50 22.19 -11.72 -2.42
N ILE D 51 22.37 -12.99 -2.77
CA ILE D 51 21.58 -13.87 -3.64
C ILE D 51 20.07 -14.04 -3.36
N SER D 52 19.49 -13.15 -2.55
CA SER D 52 18.12 -13.13 -2.02
C SER D 52 16.98 -13.52 -2.97
N GLU D 53 15.84 -13.93 -2.37
CA GLU D 53 14.77 -14.71 -3.00
C GLU D 53 15.32 -16.06 -3.48
N GLY D 54 16.03 -16.73 -2.60
CA GLY D 54 16.53 -18.06 -2.84
C GLY D 54 17.84 -18.12 -3.60
N ASN D 55 17.78 -17.97 -4.92
CA ASN D 55 18.95 -18.23 -5.76
C ASN D 55 19.05 -17.21 -6.90
N THR D 56 18.89 -15.93 -6.60
CA THR D 56 18.91 -14.96 -7.68
C THR D 56 20.32 -14.50 -8.05
N LEU D 57 21.15 -14.17 -7.04
CA LEU D 57 22.56 -13.76 -7.19
C LEU D 57 22.67 -12.52 -8.08
N ARG D 58 22.23 -11.40 -7.52
CA ARG D 58 22.26 -10.12 -8.22
C ARG D 58 23.69 -9.73 -8.57
N PRO D 59 23.91 -9.13 -9.74
CA PRO D 59 25.28 -8.93 -10.23
C PRO D 59 26.04 -7.90 -9.42
N GLY D 60 27.37 -8.02 -9.46
CA GLY D 60 28.25 -7.32 -8.56
C GLY D 60 28.88 -8.21 -7.54
N VAL D 61 28.29 -9.37 -7.28
CA VAL D 61 28.85 -10.36 -6.35
C VAL D 61 29.38 -11.49 -7.24
N PRO D 62 30.51 -12.11 -6.90
CA PRO D 62 31.01 -13.20 -7.74
C PRO D 62 30.16 -14.45 -7.60
N SER D 63 30.40 -15.38 -8.52
CA SER D 63 29.63 -16.62 -8.59
C SER D 63 30.09 -17.67 -7.60
N ARG D 64 31.06 -17.36 -6.74
CA ARG D 64 31.51 -18.31 -5.75
C ARG D 64 30.50 -18.51 -4.62
N PHE D 65 29.64 -17.52 -4.37
CA PHE D 65 28.70 -17.61 -3.26
C PHE D 65 27.52 -18.52 -3.60
N SER D 66 26.95 -19.14 -2.57
CA SER D 66 25.83 -20.06 -2.80
C SER D 66 25.01 -20.19 -1.53
N SER D 67 23.74 -20.54 -1.72
CA SER D 67 22.93 -21.02 -0.60
C SER D 67 21.90 -21.97 -1.15
N SER D 68 21.23 -22.66 -0.23
CA SER D 68 20.06 -23.46 -0.56
C SER D 68 19.20 -23.55 0.68
N GLY D 69 18.01 -24.10 0.50
CA GLY D 69 17.13 -24.35 1.61
C GLY D 69 15.69 -24.09 1.26
N TYR D 70 14.87 -24.08 2.30
CA TYR D 70 13.42 -24.03 2.23
C TYR D 70 12.96 -23.66 3.64
N GLY D 71 11.65 -23.69 3.86
CA GLY D 71 11.04 -23.40 5.14
C GLY D 71 11.64 -24.08 6.35
N THR D 72 12.10 -23.24 7.29
CA THR D 72 12.77 -23.52 8.56
C THR D 72 14.19 -24.04 8.41
N ASP D 73 14.79 -24.03 7.21
CA ASP D 73 16.18 -24.47 7.09
C ASP D 73 16.87 -23.85 5.89
N PHE D 74 17.93 -23.08 6.12
CA PHE D 74 18.71 -22.53 5.03
C PHE D 74 20.18 -22.67 5.33
N VAL D 75 20.94 -23.09 4.33
CA VAL D 75 22.38 -23.26 4.46
C VAL D 75 23.07 -22.36 3.44
N PHE D 76 24.12 -21.67 3.89
CA PHE D 76 24.85 -20.69 3.11
C PHE D 76 26.33 -21.07 3.10
N THR D 77 26.92 -21.14 1.92
CA THR D 77 28.31 -21.58 1.81
C THR D 77 28.91 -21.04 0.53
N ILE D 78 30.24 -20.98 0.48
CA ILE D 78 30.83 -20.34 -0.68
C ILE D 78 31.61 -21.33 -1.53
N GLU D 79 32.83 -21.66 -1.10
CA GLU D 79 33.83 -22.18 -2.04
C GLU D 79 35.11 -22.43 -1.27
N ASN D 80 35.97 -23.29 -1.81
CA ASN D 80 37.36 -23.38 -1.36
C ASN D 80 38.15 -22.19 -1.90
N THR D 81 39.42 -22.12 -1.50
CA THR D 81 40.39 -21.01 -1.73
C THR D 81 39.73 -19.62 -1.66
N LEU D 82 38.95 -19.43 -0.60
CA LEU D 82 38.18 -18.22 -0.41
C LEU D 82 39.11 -17.06 -0.08
N SER D 83 38.90 -15.93 -0.75
CA SER D 83 39.83 -14.80 -0.67
C SER D 83 39.72 -14.12 0.69
N GLU D 84 40.58 -13.13 0.88
CA GLU D 84 40.76 -12.50 2.19
C GLU D 84 39.66 -11.48 2.46
N ASP D 85 39.88 -10.70 3.52
CA ASP D 85 39.02 -9.61 3.98
C ASP D 85 37.61 -10.13 4.31
N VAL D 86 37.58 -10.96 5.34
CA VAL D 86 36.32 -11.54 5.81
C VAL D 86 35.52 -10.45 6.54
N ALA D 87 34.21 -10.62 6.57
CA ALA D 87 33.31 -9.74 7.29
C ALA D 87 32.07 -10.54 7.63
N ASP D 88 31.34 -10.10 8.65
CA ASP D 88 30.22 -10.89 9.14
C ASP D 88 29.03 -10.82 8.18
N TYR D 89 28.19 -11.85 8.26
CA TYR D 89 27.07 -12.04 7.35
C TYR D 89 25.79 -12.11 8.16
N TYR D 90 24.77 -11.40 7.72
CA TYR D 90 23.49 -11.36 8.42
C TYR D 90 22.39 -11.96 7.57
N CYS D 91 21.39 -12.51 8.24
CA CYS D 91 20.26 -13.19 7.62
C CYS D 91 18.98 -12.53 8.11
N LEU D 92 18.03 -12.31 7.19
CA LEU D 92 16.68 -11.92 7.62
C LEU D 92 15.67 -12.43 6.61
N GLN D 93 14.41 -12.06 6.79
CA GLN D 93 13.31 -12.66 6.06
C GLN D 93 12.39 -11.59 5.50
N SER D 94 11.38 -12.04 4.74
CA SER D 94 10.47 -11.14 4.07
C SER D 94 9.01 -11.44 4.36
N ASP D 95 8.71 -12.16 5.44
CA ASP D 95 7.36 -12.27 5.94
C ASP D 95 7.31 -11.58 7.29
N ASN D 96 6.08 -11.46 7.83
CA ASN D 96 5.86 -11.13 9.25
C ASN D 96 6.48 -9.79 9.63
N MET D 97 5.79 -8.72 9.21
CA MET D 97 6.19 -7.34 8.95
C MET D 97 7.33 -6.72 9.77
N PRO D 98 7.49 -6.95 11.09
CA PRO D 98 8.76 -6.55 11.71
C PRO D 98 10.00 -7.21 11.10
N LEU D 99 9.90 -8.48 10.71
CA LEU D 99 10.79 -9.19 9.77
C LEU D 99 12.27 -9.19 10.16
N THR D 100 12.54 -8.92 11.43
CA THR D 100 13.88 -8.87 12.04
C THR D 100 14.91 -8.04 11.27
#